data_1RHM
#
_entry.id   1RHM
#
_cell.length_a   125.065
_cell.length_b   70.902
_cell.length_c   86.567
_cell.angle_alpha   90.00
_cell.angle_beta   129.20
_cell.angle_gamma   90.00
#
_symmetry.space_group_name_H-M   'C 1 2 1'
#
loop_
_entity.id
_entity.type
_entity.pdbx_description
1 polymer CASP-3
2 polymer CASP-3
3 non-polymer '4-[5-(2-CARBOXY-1-FORMYL-ETHYLCARBAMOYL)-PYRIDIN-3-YL]-BENZOIC ACID'
4 water water
#
loop_
_entity_poly.entity_id
_entity_poly.type
_entity_poly.pdbx_seq_one_letter_code
_entity_poly.pdbx_strand_id
1 'polypeptide(L)'
;SGISLDNSYKMDYPEMGLCIIINNKNFHKSTGMTSRSGTDVDAANLRETFRNLKYEVRNKNDLTREEIVELMRDVSKEDH
SKRSSFVCVLLSHGEEGIIFGTNGPVDLKKITNFFRGDRCRSLTGKPKLFIIQACRGTELDCGIETD
;
A,C
2 'polypeptide(L)'
;SGVDDDMACHKIPVEADFLYAYSTAPGYYSWRNSKDGSWFIQSLCAMLKQYADKLEFMHILTRVNRKVATEFESFSFDAT
FHAKKQIPCIVSMLTKELYFYH
;
B,D
#
# COMPACT_ATOMS: atom_id res chain seq x y z
N ASP A 6 14.82 -17.90 7.88
CA ASP A 6 14.95 -16.67 7.04
C ASP A 6 13.64 -15.97 6.73
N ASN A 7 13.46 -14.80 7.34
CA ASN A 7 12.28 -13.98 7.16
C ASN A 7 12.76 -12.64 6.61
N SER A 8 14.00 -12.64 6.15
CA SER A 8 14.66 -11.46 5.61
C SER A 8 15.22 -11.79 4.23
N TYR A 9 15.07 -10.89 3.26
CA TYR A 9 15.59 -11.11 1.91
C TYR A 9 17.10 -11.30 1.90
N LYS A 10 17.59 -12.10 0.96
CA LYS A 10 19.02 -12.34 0.85
C LYS A 10 19.63 -11.16 0.11
N MET A 11 20.48 -10.40 0.81
CA MET A 11 21.12 -9.24 0.22
C MET A 11 22.63 -9.41 0.09
N ASP A 12 23.14 -10.62 0.27
CA ASP A 12 24.57 -10.82 0.18
C ASP A 12 25.04 -11.28 -1.20
N TYR A 13 24.29 -10.94 -2.24
CA TYR A 13 24.70 -11.29 -3.59
C TYR A 13 25.95 -10.47 -3.92
N PRO A 14 26.54 -10.68 -5.11
CA PRO A 14 27.73 -9.90 -5.44
C PRO A 14 27.46 -8.39 -5.48
N GLU A 15 26.33 -8.01 -6.05
CA GLU A 15 25.98 -6.59 -6.11
C GLU A 15 24.56 -6.31 -5.68
N MET A 16 24.35 -5.13 -5.09
CA MET A 16 23.03 -4.71 -4.62
C MET A 16 21.99 -4.58 -5.74
N GLY A 17 22.43 -4.26 -6.95
CA GLY A 17 21.49 -4.15 -8.04
C GLY A 17 21.48 -2.79 -8.69
N LEU A 18 20.59 -2.61 -9.65
CA LEU A 18 20.45 -1.35 -10.36
C LEU A 18 19.53 -0.37 -9.63
N CYS A 19 19.66 0.90 -9.99
CA CYS A 19 18.83 1.95 -9.43
C CYS A 19 18.65 2.91 -10.60
N ILE A 20 17.59 2.72 -11.36
CA ILE A 20 17.32 3.58 -12.50
C ILE A 20 16.53 4.78 -11.97
N ILE A 21 16.99 5.98 -12.32
CA ILE A 21 16.33 7.19 -11.89
C ILE A 21 15.83 7.94 -13.12
N ILE A 22 14.54 7.87 -13.40
CA ILE A 22 14.01 8.61 -14.54
C ILE A 22 13.60 9.97 -13.97
N ASN A 23 14.22 11.02 -14.49
CA ASN A 23 13.97 12.38 -14.03
C ASN A 23 13.47 13.26 -15.16
N ASN A 24 12.17 13.47 -15.21
CA ASN A 24 11.58 14.30 -16.25
C ASN A 24 11.33 15.71 -15.73
N LYS A 25 12.04 16.66 -16.30
CA LYS A 25 11.93 18.05 -15.89
C LYS A 25 11.18 18.92 -16.91
N ASN A 26 11.48 18.72 -18.19
CA ASN A 26 10.85 19.50 -19.24
C ASN A 26 9.90 18.68 -20.10
N PHE A 27 8.70 19.21 -20.31
CA PHE A 27 7.70 18.52 -21.08
C PHE A 27 7.41 19.24 -22.40
N HIS A 28 6.96 18.49 -23.39
CA HIS A 28 6.63 19.05 -24.69
C HIS A 28 5.52 20.07 -24.52
N LYS A 29 5.60 21.14 -25.31
CA LYS A 29 4.61 22.20 -25.28
C LYS A 29 3.22 21.60 -25.44
N SER A 30 3.14 20.57 -26.27
CA SER A 30 1.89 19.87 -26.56
C SER A 30 1.17 19.30 -25.33
N THR A 31 1.92 19.00 -24.27
CA THR A 31 1.32 18.44 -23.07
C THR A 31 0.81 19.51 -22.11
N GLY A 32 1.31 20.74 -22.27
CA GLY A 32 0.89 21.83 -21.41
C GLY A 32 1.42 21.77 -19.98
N MET A 33 2.25 20.78 -19.68
CA MET A 33 2.82 20.62 -18.35
C MET A 33 3.97 21.62 -18.13
N THR A 34 4.06 22.15 -16.92
CA THR A 34 5.11 23.11 -16.58
C THR A 34 6.39 22.42 -16.13
N SER A 35 7.51 23.14 -16.19
CA SER A 35 8.81 22.60 -15.77
C SER A 35 8.82 22.25 -14.29
N ARG A 36 9.42 21.11 -13.96
CA ARG A 36 9.47 20.66 -12.58
C ARG A 36 10.71 21.13 -11.80
N SER A 37 10.73 22.42 -11.49
CA SER A 37 11.85 23.02 -10.75
C SER A 37 12.16 22.31 -9.45
N GLY A 38 13.42 21.93 -9.29
CA GLY A 38 13.84 21.25 -8.07
C GLY A 38 14.09 19.78 -8.34
N THR A 39 13.52 19.28 -9.43
CA THR A 39 13.68 17.88 -9.77
C THR A 39 15.15 17.45 -9.82
N ASP A 40 16.04 18.37 -10.19
CA ASP A 40 17.46 18.05 -10.25
C ASP A 40 18.03 17.82 -8.84
N VAL A 41 17.62 18.65 -7.89
CA VAL A 41 18.10 18.51 -6.52
C VAL A 41 17.74 17.11 -6.03
N ASP A 42 16.53 16.66 -6.38
CA ASP A 42 16.09 15.32 -5.99
C ASP A 42 16.96 14.26 -6.67
N ALA A 43 17.10 14.40 -7.98
CA ALA A 43 17.87 13.47 -8.79
C ALA A 43 19.29 13.26 -8.23
N ALA A 44 19.93 14.35 -7.81
CA ALA A 44 21.28 14.26 -7.26
C ALA A 44 21.27 13.65 -5.87
N ASN A 45 20.27 14.05 -5.08
CA ASN A 45 20.08 13.57 -3.71
C ASN A 45 19.97 12.04 -3.71
N LEU A 46 19.16 11.52 -4.63
CA LEU A 46 18.94 10.07 -4.76
C LEU A 46 20.21 9.37 -5.24
N ARG A 47 20.82 9.92 -6.28
CA ARG A 47 22.03 9.34 -6.84
C ARG A 47 23.04 9.09 -5.71
N GLU A 48 23.27 10.10 -4.88
CA GLU A 48 24.23 9.96 -3.78
C GLU A 48 23.84 8.93 -2.74
N THR A 49 22.56 8.95 -2.37
CA THR A 49 22.04 8.07 -1.36
C THR A 49 22.16 6.61 -1.77
N PHE A 50 21.72 6.30 -2.98
CA PHE A 50 21.80 4.94 -3.44
C PHE A 50 23.23 4.53 -3.77
N ARG A 51 24.07 5.50 -4.09
CA ARG A 51 25.48 5.20 -4.36
C ARG A 51 26.09 4.70 -3.06
N ASN A 52 25.78 5.37 -1.96
CA ASN A 52 26.30 4.96 -0.66
C ASN A 52 25.78 3.60 -0.25
N LEU A 53 24.58 3.28 -0.72
CA LEU A 53 23.98 1.99 -0.42
C LEU A 53 24.51 0.92 -1.38
N LYS A 54 25.54 1.28 -2.15
CA LYS A 54 26.19 0.39 -3.10
C LYS A 54 25.40 -0.03 -4.33
N TYR A 55 24.50 0.83 -4.81
CA TYR A 55 23.72 0.52 -5.98
C TYR A 55 24.41 1.10 -7.22
N GLU A 56 24.22 0.45 -8.36
CA GLU A 56 24.78 0.93 -9.61
C GLU A 56 23.76 1.91 -10.19
N VAL A 57 23.84 3.15 -9.75
CA VAL A 57 22.93 4.20 -10.20
C VAL A 57 23.10 4.62 -11.65
N ARG A 58 21.99 4.84 -12.34
CA ARG A 58 21.99 5.30 -13.73
C ARG A 58 20.92 6.38 -13.81
N ASN A 59 21.27 7.56 -14.27
CA ASN A 59 20.30 8.65 -14.38
C ASN A 59 19.86 8.81 -15.83
N LYS A 60 18.67 9.33 -16.01
CA LYS A 60 18.10 9.56 -17.35
C LYS A 60 17.26 10.81 -17.22
N ASN A 61 17.23 11.65 -18.24
CA ASN A 61 16.47 12.87 -18.14
C ASN A 61 15.57 13.16 -19.33
N ASP A 62 14.42 13.76 -19.05
CA ASP A 62 13.47 14.12 -20.08
C ASP A 62 13.28 13.06 -21.15
N LEU A 63 12.75 11.90 -20.75
CA LEU A 63 12.46 10.80 -21.67
C LEU A 63 11.02 10.89 -22.11
N THR A 64 10.73 10.44 -23.33
CA THR A 64 9.35 10.44 -23.82
C THR A 64 8.70 9.18 -23.27
N ARG A 65 7.38 9.07 -23.42
CA ARG A 65 6.70 7.88 -22.91
C ARG A 65 7.25 6.63 -23.61
N GLU A 66 7.39 6.68 -24.92
CA GLU A 66 7.92 5.52 -25.67
C GLU A 66 9.30 5.15 -25.14
N GLU A 67 10.11 6.16 -24.87
CA GLU A 67 11.46 5.92 -24.36
C GLU A 67 11.47 5.22 -23.02
N ILE A 68 10.60 5.64 -22.12
CA ILE A 68 10.52 5.03 -20.80
C ILE A 68 10.17 3.54 -20.89
N VAL A 69 9.20 3.20 -21.72
CA VAL A 69 8.80 1.80 -21.87
C VAL A 69 9.97 1.00 -22.44
N GLU A 70 10.57 1.53 -23.49
CA GLU A 70 11.72 0.90 -24.15
C GLU A 70 12.87 0.66 -23.18
N LEU A 71 13.17 1.65 -22.34
CA LEU A 71 14.24 1.55 -21.36
C LEU A 71 13.95 0.47 -20.33
N MET A 72 12.72 0.45 -19.84
CA MET A 72 12.30 -0.52 -18.85
C MET A 72 12.31 -1.93 -19.46
N ARG A 73 11.89 -2.02 -20.72
CA ARG A 73 11.89 -3.30 -21.41
C ARG A 73 13.32 -3.84 -21.45
N ASP A 74 14.27 -2.98 -21.84
CA ASP A 74 15.69 -3.37 -21.94
C ASP A 74 16.32 -3.75 -20.60
N VAL A 75 16.01 -2.99 -19.56
CA VAL A 75 16.60 -3.26 -18.24
C VAL A 75 16.18 -4.62 -17.70
N SER A 76 14.97 -5.06 -18.05
CA SER A 76 14.45 -6.34 -17.58
C SER A 76 15.02 -7.54 -18.37
N LYS A 77 15.48 -7.29 -19.59
CA LYS A 77 16.06 -8.36 -20.40
C LYS A 77 17.52 -8.58 -20.02
N GLU A 78 18.04 -7.69 -19.17
CA GLU A 78 19.40 -7.79 -18.67
C GLU A 78 19.42 -8.92 -17.65
N ASP A 79 20.59 -9.46 -17.37
CA ASP A 79 20.71 -10.54 -16.40
C ASP A 79 21.00 -9.97 -15.02
N HIS A 80 20.13 -10.31 -14.06
CA HIS A 80 20.25 -9.82 -12.70
C HIS A 80 20.67 -10.89 -11.70
N SER A 81 21.14 -12.02 -12.23
CA SER A 81 21.57 -13.16 -11.40
C SER A 81 22.54 -12.81 -10.28
N LYS A 82 23.45 -11.88 -10.53
CA LYS A 82 24.44 -11.51 -9.52
C LYS A 82 23.97 -10.35 -8.66
N ARG A 83 22.83 -9.78 -9.01
CA ARG A 83 22.24 -8.65 -8.29
C ARG A 83 21.21 -9.09 -7.24
N SER A 84 21.20 -8.39 -6.10
CA SER A 84 20.28 -8.72 -5.01
C SER A 84 18.87 -8.13 -5.14
N SER A 85 18.76 -6.97 -5.78
CA SER A 85 17.46 -6.33 -5.93
C SER A 85 17.47 -5.35 -7.09
N PHE A 86 16.34 -4.70 -7.30
CA PHE A 86 16.17 -3.73 -8.36
C PHE A 86 15.43 -2.52 -7.82
N VAL A 87 15.85 -1.33 -8.24
CA VAL A 87 15.21 -0.11 -7.78
C VAL A 87 15.04 0.89 -8.91
N CYS A 88 13.82 1.36 -9.08
CA CYS A 88 13.51 2.34 -10.12
C CYS A 88 12.77 3.53 -9.52
N VAL A 89 13.33 4.72 -9.72
CA VAL A 89 12.71 5.92 -9.20
C VAL A 89 12.17 6.70 -10.39
N LEU A 90 10.99 7.28 -10.22
CA LEU A 90 10.38 8.07 -11.27
C LEU A 90 10.06 9.45 -10.69
N LEU A 91 10.43 10.50 -11.41
CA LEU A 91 10.18 11.87 -10.97
C LEU A 91 9.51 12.54 -12.14
N SER A 92 8.22 12.84 -12.00
CA SER A 92 7.51 13.45 -13.11
C SER A 92 6.12 13.92 -12.69
N HIS A 93 5.35 14.35 -13.68
CA HIS A 93 3.97 14.77 -13.49
C HIS A 93 3.19 13.47 -13.54
N GLY A 94 1.88 13.55 -13.34
CA GLY A 94 1.10 12.32 -13.39
C GLY A 94 -0.19 12.36 -12.60
N GLU A 95 -1.01 11.34 -12.80
CA GLU A 95 -2.27 11.20 -12.11
C GLU A 95 -2.38 9.78 -11.55
N GLU A 96 -3.55 9.39 -11.07
CA GLU A 96 -3.69 8.06 -10.50
C GLU A 96 -3.37 6.98 -11.53
N GLY A 97 -2.50 6.06 -11.13
CA GLY A 97 -2.07 4.97 -12.00
C GLY A 97 -1.35 5.44 -13.26
N ILE A 98 -0.94 6.71 -13.28
CA ILE A 98 -0.28 7.28 -14.45
C ILE A 98 0.92 8.19 -14.14
N ILE A 99 1.91 8.16 -15.03
CA ILE A 99 3.11 9.01 -14.90
C ILE A 99 3.41 9.54 -16.30
N PHE A 100 3.79 10.81 -16.38
CA PHE A 100 4.06 11.44 -17.67
C PHE A 100 5.46 11.32 -18.29
N GLY A 101 5.46 11.12 -19.60
CA GLY A 101 6.72 11.08 -20.33
C GLY A 101 6.75 12.54 -20.74
N THR A 102 7.80 13.00 -21.39
CA THR A 102 7.86 14.40 -21.80
C THR A 102 6.77 14.74 -22.80
N ASN A 103 6.25 13.72 -23.48
CA ASN A 103 5.25 13.91 -24.50
C ASN A 103 3.83 13.43 -24.16
N GLY A 104 3.68 12.77 -23.01
CA GLY A 104 2.37 12.28 -22.63
C GLY A 104 2.40 11.24 -21.53
N PRO A 105 1.22 10.83 -21.04
CA PRO A 105 1.06 9.85 -19.98
C PRO A 105 1.34 8.40 -20.39
N VAL A 106 1.70 7.60 -19.39
CA VAL A 106 2.00 6.19 -19.59
C VAL A 106 1.43 5.50 -18.37
N ASP A 107 0.51 4.57 -18.59
CA ASP A 107 -0.06 3.87 -17.45
C ASP A 107 1.07 3.10 -16.75
N LEU A 108 1.19 3.31 -15.45
CA LEU A 108 2.21 2.69 -14.63
C LEU A 108 2.27 1.16 -14.76
N LYS A 109 1.10 0.53 -14.77
CA LYS A 109 0.96 -0.92 -14.89
C LYS A 109 1.88 -1.46 -15.99
N LYS A 110 1.89 -0.74 -17.12
CA LYS A 110 2.67 -1.09 -18.28
C LYS A 110 4.18 -1.18 -18.07
N ILE A 111 4.76 -0.24 -17.34
CA ILE A 111 6.20 -0.29 -17.13
C ILE A 111 6.59 -1.27 -16.04
N THR A 112 5.68 -1.51 -15.09
CA THR A 112 5.98 -2.44 -14.01
C THR A 112 5.77 -3.90 -14.41
N ASN A 113 4.91 -4.14 -15.41
CA ASN A 113 4.67 -5.50 -15.84
C ASN A 113 5.94 -6.22 -16.30
N PHE A 114 6.88 -5.47 -16.88
CA PHE A 114 8.13 -6.05 -17.36
C PHE A 114 8.89 -6.78 -16.25
N PHE A 115 8.59 -6.43 -15.00
CA PHE A 115 9.30 -7.04 -13.90
C PHE A 115 8.61 -8.12 -13.08
N ARG A 116 7.42 -8.58 -13.49
CA ARG A 116 6.80 -9.61 -12.66
C ARG A 116 7.45 -11.00 -12.82
N GLY A 117 7.35 -11.79 -11.77
CA GLY A 117 7.94 -13.12 -11.72
C GLY A 117 8.17 -13.88 -13.01
N ASP A 118 7.12 -13.98 -13.82
CA ASP A 118 7.17 -14.69 -15.08
C ASP A 118 7.91 -13.96 -16.21
N ARG A 119 7.85 -12.63 -16.23
CA ARG A 119 8.52 -11.85 -17.27
C ARG A 119 10.03 -11.62 -17.08
N CYS A 120 10.48 -11.48 -15.85
CA CYS A 120 11.90 -11.25 -15.55
C CYS A 120 12.37 -12.25 -14.49
N ARG A 121 12.78 -13.42 -14.94
CA ARG A 121 13.21 -14.49 -14.05
C ARG A 121 14.48 -14.22 -13.23
N SER A 122 15.37 -13.35 -13.70
CA SER A 122 16.61 -13.06 -12.96
C SER A 122 16.28 -12.36 -11.64
N LEU A 123 15.12 -11.71 -11.59
CA LEU A 123 14.69 -11.01 -10.39
C LEU A 123 13.59 -11.72 -9.60
N THR A 124 13.19 -12.92 -10.06
CA THR A 124 12.16 -13.68 -9.36
C THR A 124 12.63 -13.94 -7.93
N GLY A 125 11.76 -13.68 -6.95
CA GLY A 125 12.11 -13.89 -5.56
C GLY A 125 13.00 -12.77 -5.01
N LYS A 126 13.11 -11.68 -5.76
CA LYS A 126 13.92 -10.56 -5.34
C LYS A 126 13.09 -9.29 -5.29
N PRO A 127 13.38 -8.42 -4.30
CA PRO A 127 12.71 -7.14 -4.06
C PRO A 127 12.82 -6.11 -5.16
N LYS A 128 11.69 -5.79 -5.79
CA LYS A 128 11.64 -4.81 -6.86
C LYS A 128 10.98 -3.55 -6.32
N LEU A 129 11.80 -2.56 -5.97
CA LEU A 129 11.28 -1.33 -5.39
C LEU A 129 11.01 -0.21 -6.39
N PHE A 130 9.82 0.37 -6.35
CA PHE A 130 9.46 1.48 -7.22
C PHE A 130 9.15 2.69 -6.35
N ILE A 131 9.88 3.78 -6.55
CA ILE A 131 9.67 5.00 -5.79
C ILE A 131 9.15 6.04 -6.77
N ILE A 132 7.96 6.53 -6.51
CA ILE A 132 7.32 7.48 -7.42
C ILE A 132 6.98 8.83 -6.81
N GLN A 133 7.55 9.88 -7.39
CA GLN A 133 7.29 11.23 -6.94
C GLN A 133 6.46 11.81 -8.07
N ALA A 134 5.15 11.70 -7.92
CA ALA A 134 4.22 12.20 -8.91
C ALA A 134 2.87 12.42 -8.26
N CYS A 135 2.07 13.29 -8.88
CA CYS A 135 0.74 13.56 -8.39
C CYS A 135 -0.12 12.38 -8.77
N ARG A 136 -1.05 12.02 -7.89
CA ARG A 136 -1.95 10.91 -8.16
C ARG A 136 -3.36 11.47 -8.29
N GLY A 137 -3.46 12.75 -8.63
CA GLY A 137 -4.76 13.40 -8.77
C GLY A 137 -4.67 14.86 -8.37
N THR A 138 -5.78 15.58 -8.45
CA THR A 138 -5.76 17.01 -8.12
C THR A 138 -6.23 17.39 -6.71
N GLU A 139 -6.46 16.41 -5.86
CA GLU A 139 -6.92 16.71 -4.51
C GLU A 139 -5.84 17.32 -3.60
N LEU A 140 -6.27 18.24 -2.74
CA LEU A 140 -5.40 18.93 -1.78
C LEU A 140 -5.82 18.65 -0.33
N ASP A 141 -4.89 18.15 0.48
CA ASP A 141 -5.17 17.82 1.87
C ASP A 141 -5.06 19.08 2.75
N CYS A 142 -6.18 19.44 3.38
CA CYS A 142 -6.25 20.63 4.23
C CYS A 142 -5.70 20.48 5.65
N GLY A 143 -5.48 19.26 6.09
CA GLY A 143 -4.95 19.06 7.43
C GLY A 143 -5.94 19.25 8.56
N ILE A 144 -5.57 18.75 9.72
CA ILE A 144 -6.39 18.83 10.92
C ILE A 144 -5.50 19.05 12.15
N GLU A 145 -6.14 19.49 13.24
CA GLU A 145 -5.47 19.76 14.51
C GLU A 145 -4.67 21.05 14.35
N LYS B 11 6.43 -22.51 -6.35
CA LYS B 11 5.57 -21.59 -7.13
C LYS B 11 5.09 -20.37 -6.30
N ILE B 12 5.23 -19.16 -6.87
CA ILE B 12 4.79 -17.92 -6.20
C ILE B 12 4.06 -16.97 -7.15
N PRO B 13 3.28 -16.03 -6.59
CA PRO B 13 2.54 -15.08 -7.43
C PRO B 13 3.47 -14.20 -8.27
N VAL B 14 3.04 -13.87 -9.47
CA VAL B 14 3.85 -13.02 -10.32
C VAL B 14 3.79 -11.57 -9.85
N GLU B 15 2.86 -11.26 -8.95
CA GLU B 15 2.75 -9.88 -8.46
C GLU B 15 3.51 -9.67 -7.17
N ALA B 16 3.98 -10.76 -6.58
CA ALA B 16 4.74 -10.71 -5.34
C ALA B 16 6.11 -10.01 -5.46
N ASP B 17 6.68 -9.70 -4.30
CA ASP B 17 7.99 -9.07 -4.21
C ASP B 17 8.15 -7.67 -4.83
N PHE B 18 7.05 -6.95 -4.97
CA PHE B 18 7.09 -5.57 -5.48
C PHE B 18 6.80 -4.67 -4.28
N LEU B 19 7.27 -3.44 -4.34
CA LEU B 19 7.03 -2.46 -3.30
C LEU B 19 6.96 -1.13 -3.99
N TYR B 20 5.83 -0.44 -3.85
CA TYR B 20 5.66 0.86 -4.45
C TYR B 20 5.63 1.86 -3.31
N ALA B 21 6.50 2.86 -3.38
CA ALA B 21 6.56 3.90 -2.36
C ALA B 21 6.06 5.17 -3.03
N TYR B 22 4.81 5.51 -2.77
CA TYR B 22 4.21 6.70 -3.37
C TYR B 22 4.49 7.95 -2.55
N SER B 23 4.74 9.06 -3.23
CA SER B 23 5.02 10.31 -2.54
C SER B 23 3.78 10.83 -1.84
N THR B 24 2.61 10.53 -2.41
CA THR B 24 1.35 10.99 -1.85
C THR B 24 0.25 9.92 -1.90
N ALA B 25 -0.90 10.26 -1.31
CA ALA B 25 -2.03 9.35 -1.25
C ALA B 25 -2.85 9.38 -2.55
N PRO B 26 -3.63 8.32 -2.78
CA PRO B 26 -4.48 8.17 -3.98
C PRO B 26 -5.40 9.37 -4.21
N GLY B 27 -5.28 9.97 -5.38
CA GLY B 27 -6.11 11.12 -5.73
C GLY B 27 -5.52 12.48 -5.39
N TYR B 28 -4.49 12.48 -4.54
CA TYR B 28 -3.88 13.72 -4.11
C TYR B 28 -2.73 14.29 -4.93
N TYR B 29 -2.45 15.56 -4.65
CA TYR B 29 -1.40 16.36 -5.27
C TYR B 29 -0.12 16.03 -4.51
N SER B 30 1.04 16.28 -5.11
CA SER B 30 2.30 16.02 -4.40
C SER B 30 3.13 17.29 -4.48
N TRP B 31 3.78 17.66 -3.37
CA TRP B 31 4.56 18.89 -3.33
C TRP B 31 6.07 18.84 -3.62
N ARG B 32 6.50 19.76 -4.48
CA ARG B 32 7.88 19.90 -4.92
C ARG B 32 8.34 21.30 -4.51
N ASN B 33 9.55 21.42 -3.96
CA ASN B 33 10.06 22.73 -3.58
C ASN B 33 11.08 23.16 -4.62
N SER B 34 10.90 24.37 -5.16
CA SER B 34 11.78 24.92 -6.19
C SER B 34 13.28 24.84 -5.93
N LYS B 35 13.68 24.96 -4.67
CA LYS B 35 15.10 24.93 -4.33
C LYS B 35 15.53 23.70 -3.55
N ASP B 36 14.65 23.18 -2.69
CA ASP B 36 14.99 22.02 -1.88
C ASP B 36 14.49 20.69 -2.43
N GLY B 37 13.73 20.74 -3.52
CA GLY B 37 13.21 19.50 -4.10
C GLY B 37 11.93 19.06 -3.41
N SER B 38 11.35 17.96 -3.89
CA SER B 38 10.11 17.46 -3.33
C SER B 38 10.27 17.04 -1.87
N TRP B 39 9.24 17.31 -1.08
CA TRP B 39 9.19 16.98 0.34
C TRP B 39 9.41 15.49 0.53
N PHE B 40 8.76 14.69 -0.32
CA PHE B 40 8.86 13.25 -0.23
C PHE B 40 10.28 12.73 -0.40
N ILE B 41 10.91 13.12 -1.51
CA ILE B 41 12.26 12.68 -1.79
C ILE B 41 13.32 13.18 -0.82
N GLN B 42 13.23 14.43 -0.39
CA GLN B 42 14.24 14.91 0.52
C GLN B 42 14.15 14.21 1.87
N SER B 43 12.95 13.80 2.27
CA SER B 43 12.77 13.11 3.55
C SER B 43 13.25 11.66 3.43
N LEU B 44 12.95 11.05 2.28
CA LEU B 44 13.35 9.67 2.04
C LEU B 44 14.85 9.53 2.12
N CYS B 45 15.55 10.42 1.43
CA CYS B 45 17.02 10.41 1.43
C CYS B 45 17.57 10.67 2.82
N ALA B 46 16.96 11.61 3.52
CA ALA B 46 17.41 11.95 4.86
C ALA B 46 17.30 10.73 5.78
N MET B 47 16.15 10.06 5.75
CA MET B 47 15.89 8.88 6.58
C MET B 47 16.78 7.72 6.17
N LEU B 48 17.07 7.62 4.88
CA LEU B 48 17.94 6.54 4.43
C LEU B 48 19.35 6.76 4.95
N LYS B 49 19.82 8.01 4.91
CA LYS B 49 21.15 8.33 5.37
C LYS B 49 21.31 8.01 6.85
N GLN B 50 20.22 8.10 7.60
CA GLN B 50 20.31 7.87 9.03
C GLN B 50 19.97 6.47 9.54
N TYR B 51 19.17 5.72 8.80
CA TYR B 51 18.77 4.41 9.29
C TYR B 51 19.00 3.19 8.42
N ALA B 52 19.49 3.37 7.19
CA ALA B 52 19.70 2.22 6.32
C ALA B 52 20.60 1.15 6.98
N ASP B 53 21.37 1.56 7.98
CA ASP B 53 22.28 0.68 8.67
C ASP B 53 21.69 0.17 9.97
N LYS B 54 20.43 0.50 10.23
CA LYS B 54 19.81 0.11 11.49
C LYS B 54 18.35 -0.39 11.47
N LEU B 55 17.53 0.16 10.60
CA LEU B 55 16.12 -0.23 10.56
C LEU B 55 15.67 -1.01 9.35
N GLU B 56 14.60 -1.79 9.54
CA GLU B 56 13.99 -2.57 8.46
C GLU B 56 13.34 -1.52 7.57
N PHE B 57 13.35 -1.77 6.26
CA PHE B 57 12.82 -0.84 5.29
C PHE B 57 11.39 -0.29 5.52
N MET B 58 10.46 -1.13 5.96
CA MET B 58 9.10 -0.65 6.20
C MET B 58 9.10 0.38 7.32
N HIS B 59 9.97 0.16 8.30
CA HIS B 59 10.08 1.08 9.41
C HIS B 59 10.72 2.39 8.95
N ILE B 60 11.71 2.29 8.08
CA ILE B 60 12.36 3.49 7.55
C ILE B 60 11.30 4.30 6.81
N LEU B 61 10.51 3.63 5.97
CA LEU B 61 9.46 4.31 5.20
C LEU B 61 8.38 4.93 6.10
N THR B 62 8.20 4.35 7.28
CA THR B 62 7.21 4.83 8.23
C THR B 62 7.68 6.18 8.79
N ARG B 63 9.00 6.34 8.96
CA ARG B 63 9.58 7.59 9.44
C ARG B 63 9.43 8.64 8.33
N VAL B 64 9.62 8.21 7.10
CA VAL B 64 9.48 9.10 5.96
C VAL B 64 8.06 9.65 6.00
N ASN B 65 7.14 8.78 6.38
CA ASN B 65 5.74 9.17 6.48
C ASN B 65 5.49 10.25 7.53
N ARG B 66 5.96 10.01 8.76
CA ARG B 66 5.79 10.96 9.87
C ARG B 66 6.40 12.31 9.57
N LYS B 67 7.63 12.29 9.07
CA LYS B 67 8.36 13.51 8.76
C LYS B 67 7.63 14.37 7.75
N VAL B 68 7.07 13.75 6.72
CA VAL B 68 6.36 14.48 5.69
C VAL B 68 5.02 15.00 6.19
N ALA B 69 4.35 14.19 7.02
CA ALA B 69 3.05 14.55 7.55
C ALA B 69 3.18 15.67 8.59
N THR B 70 4.25 15.59 9.36
CA THR B 70 4.54 16.51 10.44
C THR B 70 5.25 17.82 10.13
N GLU B 71 6.43 17.70 9.54
CA GLU B 71 7.29 18.85 9.24
C GLU B 71 7.02 19.69 8.01
N PHE B 72 6.06 19.31 7.16
CA PHE B 72 5.83 20.12 5.95
C PHE B 72 4.43 20.72 5.84
N GLU B 73 4.33 21.83 5.10
CA GLU B 73 3.08 22.51 4.89
C GLU B 73 3.28 23.61 3.86
N SER B 74 2.46 23.63 2.82
CA SER B 74 2.60 24.63 1.78
C SER B 74 2.34 26.05 2.25
N PHE B 75 2.91 27.00 1.51
CA PHE B 75 2.74 28.41 1.79
C PHE B 75 2.51 29.01 0.42
N SER B 76 1.46 29.80 0.27
CA SER B 76 1.18 30.41 -1.03
C SER B 76 0.30 31.62 -0.84
N PHE B 77 0.37 32.54 -1.78
CA PHE B 77 -0.45 33.73 -1.73
C PHE B 77 -1.84 33.35 -2.23
N ASP B 78 -1.91 32.26 -2.98
CA ASP B 78 -3.18 31.74 -3.51
C ASP B 78 -3.80 30.98 -2.34
N ALA B 79 -5.00 31.41 -1.94
CA ALA B 79 -5.69 30.79 -0.82
C ALA B 79 -5.90 29.30 -0.99
N THR B 80 -6.00 28.85 -2.23
CA THR B 80 -6.23 27.45 -2.52
C THR B 80 -4.98 26.56 -2.36
N PHE B 81 -3.81 27.09 -2.68
CA PHE B 81 -2.57 26.33 -2.55
C PHE B 81 -1.94 26.52 -1.19
N HIS B 82 -2.57 27.34 -0.36
CA HIS B 82 -2.00 27.63 0.95
C HIS B 82 -2.36 26.69 2.09
N ALA B 83 -1.36 26.41 2.92
CA ALA B 83 -1.51 25.55 4.11
C ALA B 83 -1.96 24.11 3.88
N LYS B 84 -1.54 23.50 2.77
CA LYS B 84 -1.93 22.14 2.50
C LYS B 84 -0.95 21.15 3.08
N LYS B 85 -1.40 19.92 3.29
CA LYS B 85 -0.57 18.88 3.87
C LYS B 85 -0.42 17.71 2.91
N GLN B 86 0.44 16.76 3.28
CA GLN B 86 0.67 15.59 2.45
C GLN B 86 1.08 14.37 3.26
N ILE B 87 0.64 13.20 2.78
CA ILE B 87 0.96 11.94 3.43
C ILE B 87 1.42 10.90 2.39
N PRO B 88 2.65 10.37 2.56
CA PRO B 88 3.11 9.37 1.60
C PRO B 88 2.20 8.14 1.71
N CYS B 89 2.37 7.20 0.78
CA CYS B 89 1.57 5.98 0.74
C CYS B 89 2.44 4.76 0.39
N ILE B 90 2.67 3.89 1.37
CA ILE B 90 3.46 2.70 1.16
C ILE B 90 2.58 1.55 0.68
N VAL B 91 2.90 1.01 -0.50
CA VAL B 91 2.16 -0.09 -1.06
C VAL B 91 3.08 -1.32 -1.14
N SER B 92 3.02 -2.19 -0.13
CA SER B 92 3.88 -3.37 -0.07
C SER B 92 3.27 -4.73 -0.39
N MET B 93 4.00 -5.52 -1.17
CA MET B 93 3.58 -6.86 -1.53
C MET B 93 4.82 -7.72 -1.30
N LEU B 94 5.67 -7.22 -0.42
CA LEU B 94 6.91 -7.88 -0.08
C LEU B 94 6.60 -9.14 0.70
N THR B 95 7.48 -10.12 0.56
CA THR B 95 7.33 -11.41 1.19
C THR B 95 8.22 -11.52 2.42
N LYS B 96 9.32 -10.78 2.42
CA LYS B 96 10.23 -10.82 3.56
C LYS B 96 10.64 -9.44 4.04
N GLU B 97 11.42 -9.43 5.12
CA GLU B 97 11.94 -8.21 5.69
C GLU B 97 13.17 -7.77 4.89
N LEU B 98 13.24 -6.48 4.57
CA LEU B 98 14.33 -5.92 3.79
C LEU B 98 15.31 -5.05 4.58
N TYR B 99 16.57 -5.44 4.53
CA TYR B 99 17.66 -4.73 5.21
C TYR B 99 18.77 -4.46 4.21
N PHE B 100 19.28 -3.23 4.21
CA PHE B 100 20.36 -2.88 3.31
C PHE B 100 21.71 -3.17 3.94
N TYR B 101 21.86 -4.36 4.53
CA TYR B 101 23.12 -4.75 5.16
C TYR B 101 23.04 -6.15 5.73
N ASP C 6 9.37 9.34 20.69
CA ASP C 6 8.23 8.40 20.55
C ASP C 6 7.90 8.12 19.08
N ASN C 7 8.20 6.90 18.63
CA ASN C 7 7.97 6.51 17.25
C ASN C 7 6.98 5.36 17.04
N SER C 8 6.21 5.04 18.07
CA SER C 8 5.20 4.00 17.97
C SER C 8 3.90 4.60 18.54
N TYR C 9 2.75 4.07 18.13
CA TYR C 9 1.48 4.59 18.62
C TYR C 9 1.24 4.33 20.09
N LYS C 10 0.63 5.30 20.76
CA LYS C 10 0.31 5.17 22.17
C LYS C 10 -0.83 4.13 22.27
N MET C 11 -0.55 2.99 22.87
CA MET C 11 -1.56 1.93 22.99
C MET C 11 -1.93 1.64 24.45
N ASP C 12 -1.76 2.62 25.32
CA ASP C 12 -2.09 2.42 26.73
C ASP C 12 -3.35 3.17 27.19
N TYR C 13 -4.26 3.42 26.26
CA TYR C 13 -5.52 4.07 26.60
C TYR C 13 -6.34 3.04 27.39
N PRO C 14 -7.44 3.48 28.04
CA PRO C 14 -8.28 2.54 28.81
C PRO C 14 -8.76 1.31 28.02
N GLU C 15 -9.09 1.48 26.76
CA GLU C 15 -9.53 0.36 25.94
C GLU C 15 -8.89 0.38 24.55
N MET C 16 -8.60 -0.81 24.02
CA MET C 16 -7.97 -0.93 22.70
C MET C 16 -8.82 -0.28 21.60
N GLY C 17 -10.14 -0.41 21.70
CA GLY C 17 -11.00 0.19 20.70
C GLY C 17 -11.97 -0.80 20.07
N LEU C 18 -12.74 -0.32 19.11
CA LEU C 18 -13.72 -1.15 18.42
C LEU C 18 -13.13 -2.06 17.34
N CYS C 19 -13.93 -3.06 16.98
CA CYS C 19 -13.58 -3.99 15.91
C CYS C 19 -14.91 -4.41 15.28
N ILE C 20 -15.29 -3.69 14.23
CA ILE C 20 -16.51 -3.95 13.49
C ILE C 20 -16.21 -4.98 12.41
N ILE C 21 -16.92 -6.10 12.44
CA ILE C 21 -16.74 -7.15 11.45
C ILE C 21 -17.97 -7.29 10.59
N ILE C 22 -17.98 -6.65 9.43
CA ILE C 22 -19.12 -6.75 8.54
C ILE C 22 -18.97 -8.00 7.69
N ASN C 23 -19.83 -8.98 7.96
CA ASN C 23 -19.80 -10.28 7.28
C ASN C 23 -21.00 -10.51 6.37
N ASN C 24 -20.82 -10.29 5.07
CA ASN C 24 -21.87 -10.49 4.08
C ASN C 24 -21.76 -11.86 3.41
N LYS C 25 -22.73 -12.73 3.69
CA LYS C 25 -22.75 -14.08 3.12
C LYS C 25 -23.69 -14.29 1.93
N ASN C 26 -24.94 -13.84 2.07
CA ASN C 26 -25.95 -14.01 1.04
C ASN C 26 -26.36 -12.75 0.32
N PHE C 27 -26.24 -12.75 -0.99
CA PHE C 27 -26.57 -11.59 -1.78
C PHE C 27 -27.86 -11.73 -2.56
N HIS C 28 -28.54 -10.61 -2.75
CA HIS C 28 -29.80 -10.59 -3.47
C HIS C 28 -29.64 -11.07 -4.91
N LYS C 29 -30.62 -11.82 -5.38
CA LYS C 29 -30.63 -12.38 -6.73
C LYS C 29 -30.14 -11.36 -7.76
N SER C 30 -30.54 -10.11 -7.57
CA SER C 30 -30.19 -9.01 -8.46
C SER C 30 -28.70 -8.74 -8.61
N THR C 31 -27.94 -8.98 -7.55
CA THR C 31 -26.49 -8.72 -7.58
C THR C 31 -25.72 -9.67 -8.48
N GLY C 32 -26.26 -10.86 -8.69
CA GLY C 32 -25.57 -11.84 -9.52
C GLY C 32 -24.37 -12.43 -8.80
N MET C 33 -24.38 -12.37 -7.47
CA MET C 33 -23.29 -12.92 -6.67
C MET C 33 -23.71 -14.22 -5.99
N THR C 34 -22.76 -15.12 -5.80
CA THR C 34 -23.06 -16.39 -5.15
C THR C 34 -22.76 -16.32 -3.66
N SER C 35 -23.34 -17.20 -2.88
CA SER C 35 -23.09 -17.18 -1.45
C SER C 35 -21.62 -17.46 -1.16
N ARG C 36 -21.08 -16.74 -0.20
CA ARG C 36 -19.68 -16.87 0.19
C ARG C 36 -19.50 -17.88 1.31
N SER C 37 -19.47 -19.16 0.93
CA SER C 37 -19.30 -20.24 1.88
C SER C 37 -17.96 -20.14 2.59
N GLY C 38 -17.97 -20.41 3.88
CA GLY C 38 -16.74 -20.36 4.65
C GLY C 38 -16.53 -19.02 5.33
N THR C 39 -17.24 -17.99 4.86
CA THR C 39 -17.09 -16.67 5.42
C THR C 39 -17.42 -16.64 6.91
N ASP C 40 -18.22 -17.58 7.36
CA ASP C 40 -18.59 -17.65 8.77
C ASP C 40 -17.41 -18.18 9.57
N VAL C 41 -16.56 -18.98 8.91
CA VAL C 41 -15.39 -19.52 9.56
C VAL C 41 -14.44 -18.34 9.81
N ASP C 42 -14.46 -17.39 8.88
CA ASP C 42 -13.65 -16.19 8.97
C ASP C 42 -14.14 -15.30 10.12
N ALA C 43 -15.37 -14.83 9.98
CA ALA C 43 -15.97 -13.94 10.98
C ALA C 43 -15.84 -14.49 12.39
N ALA C 44 -15.87 -15.82 12.52
CA ALA C 44 -15.74 -16.43 13.84
C ALA C 44 -14.29 -16.37 14.28
N ASN C 45 -13.40 -16.76 13.38
CA ASN C 45 -11.97 -16.79 13.64
C ASN C 45 -11.45 -15.39 14.00
N LEU C 46 -11.92 -14.38 13.26
CA LEU C 46 -11.52 -13.01 13.52
C LEU C 46 -12.00 -12.57 14.91
N ARG C 47 -13.29 -12.75 15.16
CA ARG C 47 -13.90 -12.38 16.43
C ARG C 47 -13.07 -12.81 17.63
N GLU C 48 -12.68 -14.08 17.66
CA GLU C 48 -11.89 -14.61 18.76
C GLU C 48 -10.52 -13.98 18.84
N THR C 49 -9.90 -13.84 17.67
CA THR C 49 -8.57 -13.27 17.57
C THR C 49 -8.56 -11.88 18.18
N PHE C 50 -9.39 -10.99 17.65
CA PHE C 50 -9.43 -9.64 18.17
C PHE C 50 -9.96 -9.52 19.60
N ARG C 51 -10.63 -10.56 20.09
CA ARG C 51 -11.13 -10.50 21.46
C ARG C 51 -9.95 -10.74 22.39
N ASN C 52 -9.00 -11.54 21.93
CA ASN C 52 -7.82 -11.85 22.73
C ASN C 52 -6.90 -10.64 22.80
N LEU C 53 -7.07 -9.71 21.87
CA LEU C 53 -6.27 -8.49 21.84
C LEU C 53 -7.00 -7.36 22.55
N LYS C 54 -7.99 -7.72 23.37
CA LYS C 54 -8.77 -6.76 24.13
C LYS C 54 -9.60 -5.77 23.34
N TYR C 55 -9.98 -6.12 22.11
CA TYR C 55 -10.83 -5.24 21.33
C TYR C 55 -12.28 -5.56 21.61
N GLU C 56 -13.12 -4.54 21.60
CA GLU C 56 -14.54 -4.74 21.80
C GLU C 56 -15.03 -5.13 20.41
N VAL C 57 -15.39 -6.39 20.22
CA VAL C 57 -15.84 -6.84 18.90
C VAL C 57 -17.34 -6.74 18.71
N ARG C 58 -17.75 -6.53 17.46
CA ARG C 58 -19.16 -6.45 17.10
C ARG C 58 -19.33 -7.02 15.70
N ASN C 59 -20.17 -8.04 15.57
CA ASN C 59 -20.40 -8.64 14.26
C ASN C 59 -21.69 -8.17 13.62
N LYS C 60 -21.68 -8.10 12.30
CA LYS C 60 -22.84 -7.68 11.52
C LYS C 60 -22.93 -8.63 10.36
N ASN C 61 -24.14 -9.15 10.09
CA ASN C 61 -24.29 -10.08 8.99
C ASN C 61 -25.24 -9.62 7.92
N ASP C 62 -24.85 -9.88 6.67
CA ASP C 62 -25.66 -9.54 5.51
C ASP C 62 -26.29 -8.14 5.56
N LEU C 63 -25.46 -7.09 5.65
CA LEU C 63 -25.99 -5.73 5.68
C LEU C 63 -26.08 -5.19 4.26
N THR C 64 -27.08 -4.35 4.00
CA THR C 64 -27.22 -3.76 2.69
C THR C 64 -26.24 -2.59 2.60
N ARG C 65 -25.95 -2.16 1.38
CA ARG C 65 -25.03 -1.05 1.18
C ARG C 65 -25.48 0.16 2.01
N GLU C 66 -26.79 0.39 2.10
CA GLU C 66 -27.30 1.52 2.88
C GLU C 66 -27.02 1.28 4.36
N GLU C 67 -27.21 0.05 4.81
CA GLU C 67 -26.97 -0.26 6.21
C GLU C 67 -25.51 -0.07 6.58
N ILE C 68 -24.60 -0.45 5.68
CA ILE C 68 -23.17 -0.34 5.92
C ILE C 68 -22.76 1.12 6.12
N VAL C 69 -23.23 1.99 5.22
CA VAL C 69 -22.91 3.42 5.32
C VAL C 69 -23.43 3.97 6.64
N GLU C 70 -24.71 3.72 6.91
CA GLU C 70 -25.35 4.18 8.14
C GLU C 70 -24.58 3.71 9.37
N LEU C 71 -24.18 2.45 9.37
CA LEU C 71 -23.44 1.89 10.49
C LEU C 71 -22.13 2.65 10.73
N MET C 72 -21.41 2.92 9.65
CA MET C 72 -20.14 3.63 9.73
C MET C 72 -20.35 5.04 10.25
N ARG C 73 -21.32 5.74 9.67
CA ARG C 73 -21.63 7.09 10.08
C ARG C 73 -21.90 7.12 11.59
N ASP C 74 -22.53 6.07 12.10
CA ASP C 74 -22.86 5.97 13.51
C ASP C 74 -21.67 5.65 14.39
N VAL C 75 -20.81 4.74 13.94
CA VAL C 75 -19.64 4.36 14.72
C VAL C 75 -18.62 5.50 14.77
N SER C 76 -18.61 6.33 13.72
CA SER C 76 -17.70 7.47 13.64
C SER C 76 -18.21 8.64 14.46
N LYS C 77 -19.47 8.56 14.90
CA LYS C 77 -20.07 9.61 15.72
C LYS C 77 -19.87 9.32 17.21
N GLU C 78 -19.46 8.09 17.53
CA GLU C 78 -19.21 7.72 18.92
C GLU C 78 -17.95 8.40 19.40
N ASP C 79 -17.78 8.47 20.71
CA ASP C 79 -16.60 9.10 21.29
C ASP C 79 -15.52 8.04 21.50
N HIS C 80 -14.39 8.22 20.83
CA HIS C 80 -13.29 7.27 20.92
C HIS C 80 -12.14 7.75 21.80
N SER C 81 -12.35 8.82 22.55
CA SER C 81 -11.32 9.38 23.42
C SER C 81 -10.59 8.38 24.31
N LYS C 82 -11.28 7.35 24.76
CA LYS C 82 -10.67 6.35 25.64
C LYS C 82 -10.18 5.12 24.87
N ARG C 83 -10.30 5.16 23.55
CA ARG C 83 -9.89 4.05 22.71
C ARG C 83 -8.58 4.30 21.98
N SER C 84 -7.69 3.32 22.02
CA SER C 84 -6.39 3.41 21.38
C SER C 84 -6.46 3.35 19.85
N SER C 85 -7.40 2.56 19.31
CA SER C 85 -7.52 2.41 17.86
C SER C 85 -8.89 1.94 17.38
N PHE C 86 -9.02 1.85 16.06
CA PHE C 86 -10.25 1.43 15.41
C PHE C 86 -9.95 0.41 14.32
N VAL C 87 -10.61 -0.75 14.39
CA VAL C 87 -10.41 -1.80 13.41
C VAL C 87 -11.76 -2.12 12.77
N CYS C 88 -11.78 -2.22 11.45
CA CYS C 88 -13.00 -2.54 10.74
C CYS C 88 -12.74 -3.58 9.66
N VAL C 89 -13.26 -4.79 9.85
CA VAL C 89 -13.07 -5.87 8.88
C VAL C 89 -14.28 -6.01 7.97
N LEU C 90 -14.03 -6.01 6.67
CA LEU C 90 -15.10 -6.17 5.68
C LEU C 90 -14.91 -7.51 4.95
N LEU C 91 -15.97 -8.32 4.89
CA LEU C 91 -15.92 -9.62 4.22
C LEU C 91 -17.12 -9.63 3.27
N SER C 92 -16.86 -9.64 1.98
CA SER C 92 -17.93 -9.60 1.01
C SER C 92 -17.36 -9.70 -0.41
N HIS C 93 -18.21 -9.42 -1.40
CA HIS C 93 -17.79 -9.43 -2.79
C HIS C 93 -17.28 -8.03 -3.10
N GLY C 94 -16.67 -7.85 -4.27
CA GLY C 94 -16.20 -6.53 -4.61
C GLY C 94 -15.36 -6.43 -5.87
N GLU C 95 -15.05 -5.20 -6.23
CA GLU C 95 -14.22 -4.92 -7.39
C GLU C 95 -13.22 -3.89 -6.93
N GLU C 96 -12.37 -3.41 -7.83
CA GLU C 96 -11.38 -2.43 -7.45
C GLU C 96 -12.05 -1.20 -6.83
N GLY C 97 -11.71 -0.94 -5.57
CA GLY C 97 -12.25 0.21 -4.85
C GLY C 97 -13.73 0.12 -4.50
N ILE C 98 -14.30 -1.07 -4.65
CA ILE C 98 -15.72 -1.27 -4.37
C ILE C 98 -16.03 -2.53 -3.57
N ILE C 99 -16.89 -2.42 -2.57
CA ILE C 99 -17.30 -3.61 -1.81
C ILE C 99 -18.80 -3.75 -1.98
N PHE C 100 -19.29 -4.97 -1.87
CA PHE C 100 -20.70 -5.21 -2.05
C PHE C 100 -21.57 -5.33 -0.80
N GLY C 101 -22.66 -4.58 -0.81
CA GLY C 101 -23.62 -4.69 0.27
C GLY C 101 -24.50 -5.80 -0.30
N THR C 102 -25.20 -6.54 0.55
CA THR C 102 -26.05 -7.63 0.07
C THR C 102 -26.89 -7.25 -1.14
N ASN C 103 -27.31 -5.99 -1.20
CA ASN C 103 -28.15 -5.51 -2.30
C ASN C 103 -27.41 -4.68 -3.35
N GLY C 104 -26.08 -4.64 -3.27
CA GLY C 104 -25.34 -3.86 -4.25
C GLY C 104 -24.00 -3.33 -3.81
N PRO C 105 -23.30 -2.67 -4.73
CA PRO C 105 -21.97 -2.06 -4.54
C PRO C 105 -21.87 -0.67 -3.91
N VAL C 106 -20.80 -0.48 -3.13
CA VAL C 106 -20.48 0.79 -2.47
C VAL C 106 -18.98 0.97 -2.60
N ASP C 107 -18.53 2.15 -2.98
CA ASP C 107 -17.09 2.37 -3.09
C ASP C 107 -16.52 2.65 -1.71
N LEU C 108 -15.38 2.03 -1.42
CA LEU C 108 -14.69 2.17 -0.14
C LEU C 108 -14.50 3.60 0.33
N LYS C 109 -14.17 4.48 -0.61
CA LYS C 109 -13.94 5.89 -0.33
C LYS C 109 -15.02 6.45 0.59
N LYS C 110 -16.27 6.19 0.24
CA LYS C 110 -17.42 6.67 1.00
C LYS C 110 -17.52 6.24 2.45
N ILE C 111 -17.22 4.99 2.74
CA ILE C 111 -17.31 4.52 4.11
C ILE C 111 -16.01 4.72 4.86
N THR C 112 -14.97 5.12 4.16
CA THR C 112 -13.67 5.36 4.76
C THR C 112 -13.59 6.82 5.20
N ASN C 113 -14.21 7.70 4.41
CA ASN C 113 -14.22 9.12 4.68
C ASN C 113 -14.77 9.53 6.05
N PHE C 114 -15.69 8.74 6.59
CA PHE C 114 -16.26 9.04 7.91
C PHE C 114 -15.16 9.05 8.96
N PHE C 115 -14.01 8.51 8.61
CA PHE C 115 -12.93 8.41 9.58
C PHE C 115 -11.69 9.28 9.42
N ARG C 116 -11.67 10.25 8.49
CA ARG C 116 -10.45 11.04 8.42
C ARG C 116 -10.29 12.01 9.59
N GLY C 117 -9.04 12.41 9.81
CA GLY C 117 -8.70 13.30 10.91
C GLY C 117 -9.66 14.43 11.19
N ASP C 118 -10.17 15.03 10.11
CA ASP C 118 -11.09 16.16 10.23
C ASP C 118 -12.55 15.81 10.54
N ARG C 119 -12.99 14.62 10.13
CA ARG C 119 -14.37 14.21 10.36
C ARG C 119 -14.59 13.40 11.65
N CYS C 120 -13.60 12.65 12.09
CA CYS C 120 -13.74 11.88 13.32
C CYS C 120 -12.61 12.25 14.29
N ARG C 121 -12.82 13.35 14.99
CA ARG C 121 -11.83 13.88 15.91
C ARG C 121 -11.35 12.98 17.06
N SER C 122 -12.21 12.11 17.58
CA SER C 122 -11.82 11.24 18.68
C SER C 122 -10.75 10.21 18.27
N LEU C 123 -10.55 10.06 16.97
CA LEU C 123 -9.59 9.09 16.46
C LEU C 123 -8.38 9.71 15.78
N THR C 124 -8.37 11.04 15.69
CA THR C 124 -7.26 11.76 15.07
C THR C 124 -5.96 11.38 15.77
N GLY C 125 -4.91 11.08 14.99
CA GLY C 125 -3.64 10.72 15.58
C GLY C 125 -3.64 9.29 16.10
N LYS C 126 -4.66 8.54 15.72
CA LYS C 126 -4.78 7.15 16.14
C LYS C 126 -4.93 6.25 14.93
N PRO C 127 -4.33 5.04 14.99
CA PRO C 127 -4.36 4.04 13.93
C PRO C 127 -5.75 3.51 13.58
N LYS C 128 -6.20 3.79 12.36
CA LYS C 128 -7.50 3.33 11.91
C LYS C 128 -7.27 2.24 10.85
N LEU C 129 -7.36 0.98 11.27
CA LEU C 129 -7.13 -0.16 10.39
C LEU C 129 -8.37 -0.68 9.65
N PHE C 130 -8.17 -1.02 8.37
CA PHE C 130 -9.25 -1.57 7.55
C PHE C 130 -8.76 -2.83 6.85
N ILE C 131 -9.28 -3.97 7.29
CA ILE C 131 -8.91 -5.25 6.70
C ILE C 131 -10.01 -5.64 5.71
N ILE C 132 -9.62 -5.92 4.48
CA ILE C 132 -10.58 -6.24 3.43
C ILE C 132 -10.40 -7.55 2.68
N GLN C 133 -11.34 -8.47 2.90
CA GLN C 133 -11.33 -9.75 2.19
C GLN C 133 -12.39 -9.58 1.10
N ALA C 134 -11.94 -9.34 -0.13
CA ALA C 134 -12.86 -9.16 -1.26
C ALA C 134 -12.05 -9.16 -2.55
N CYS C 135 -12.71 -9.44 -3.67
CA CYS C 135 -12.01 -9.45 -4.95
C CYS C 135 -11.81 -8.00 -5.38
N ARG C 136 -10.75 -7.75 -6.14
CA ARG C 136 -10.46 -6.40 -6.61
C ARG C 136 -10.51 -6.38 -8.13
N GLY C 137 -11.15 -7.40 -8.69
CA GLY C 137 -11.26 -7.53 -10.14
C GLY C 137 -11.21 -9.01 -10.47
N THR C 138 -11.13 -9.33 -11.75
CA THR C 138 -11.12 -10.73 -12.16
C THR C 138 -9.77 -11.35 -12.53
N GLU C 139 -8.70 -10.56 -12.61
CA GLU C 139 -7.41 -11.13 -12.97
C GLU C 139 -7.01 -12.31 -12.07
N LEU C 140 -6.50 -13.38 -12.70
CA LEU C 140 -6.05 -14.58 -12.00
C LEU C 140 -4.52 -14.60 -12.05
N ASP C 141 -3.89 -15.02 -10.95
CA ASP C 141 -2.44 -15.05 -10.90
C ASP C 141 -1.95 -16.49 -11.08
N CYS C 142 -1.36 -16.75 -12.25
CA CYS C 142 -0.85 -18.06 -12.59
C CYS C 142 0.29 -18.55 -11.72
N GLY C 143 1.24 -17.67 -11.43
CA GLY C 143 2.36 -18.05 -10.60
C GLY C 143 3.65 -18.26 -11.39
N ILE C 144 4.70 -18.64 -10.67
CA ILE C 144 5.99 -18.86 -11.30
C ILE C 144 6.95 -19.67 -10.41
N GLU C 145 7.90 -20.32 -11.06
CA GLU C 145 8.94 -21.14 -10.43
C GLU C 145 8.42 -22.52 -10.10
N LYS D 11 -0.58 20.17 13.17
CA LYS D 11 -1.38 19.90 11.93
C LYS D 11 -0.84 18.68 11.18
N ILE D 12 -1.73 17.73 10.89
CA ILE D 12 -1.38 16.51 10.15
C ILE D 12 -2.35 16.30 9.00
N PRO D 13 -1.96 15.49 8.01
CA PRO D 13 -2.84 15.24 6.87
C PRO D 13 -4.11 14.51 7.33
N VAL D 14 -5.25 14.80 6.72
CA VAL D 14 -6.48 14.13 7.10
C VAL D 14 -6.45 12.64 6.72
N GLU D 15 -5.85 12.33 5.58
CA GLU D 15 -5.76 10.95 5.11
C GLU D 15 -4.70 10.14 5.86
N ALA D 16 -4.06 10.73 6.84
CA ALA D 16 -3.01 10.03 7.57
C ALA D 16 -3.53 9.10 8.67
N ASP D 17 -2.70 8.13 9.01
CA ASP D 17 -3.00 7.16 10.05
C ASP D 17 -3.95 6.04 9.66
N PHE D 18 -4.11 5.85 8.36
CA PHE D 18 -4.95 4.81 7.78
C PHE D 18 -4.10 3.63 7.31
N LEU D 19 -4.57 2.42 7.57
CA LEU D 19 -3.89 1.21 7.11
C LEU D 19 -4.93 0.33 6.46
N TYR D 20 -4.77 0.08 5.16
CA TYR D 20 -5.70 -0.79 4.44
C TYR D 20 -4.97 -2.09 4.11
N ALA D 21 -5.33 -3.17 4.80
CA ALA D 21 -4.70 -4.47 4.54
C ALA D 21 -5.59 -5.27 3.57
N TYR D 22 -5.27 -5.23 2.28
CA TYR D 22 -6.05 -5.97 1.30
C TYR D 22 -5.64 -7.44 1.20
N SER D 23 -6.63 -8.29 0.90
CA SER D 23 -6.41 -9.73 0.78
C SER D 23 -5.72 -10.11 -0.52
N THR D 24 -5.76 -9.20 -1.50
CA THR D 24 -5.20 -9.48 -2.81
C THR D 24 -4.71 -8.19 -3.50
N ALA D 25 -3.89 -8.35 -4.53
CA ALA D 25 -3.34 -7.23 -5.28
C ALA D 25 -4.42 -6.55 -6.14
N PRO D 26 -4.18 -5.30 -6.54
CA PRO D 26 -5.16 -4.57 -7.38
C PRO D 26 -5.52 -5.30 -8.67
N GLY D 27 -6.80 -5.29 -9.00
CA GLY D 27 -7.29 -5.95 -10.22
C GLY D 27 -7.46 -7.45 -10.15
N TYR D 28 -6.95 -8.11 -9.11
CA TYR D 28 -7.04 -9.56 -9.00
C TYR D 28 -8.18 -10.15 -8.17
N TYR D 29 -8.33 -11.46 -8.34
CA TYR D 29 -9.35 -12.27 -7.67
C TYR D 29 -8.82 -12.55 -6.27
N SER D 30 -9.69 -13.00 -5.38
CA SER D 30 -9.30 -13.33 -4.01
C SER D 30 -9.90 -14.70 -3.66
N TRP D 31 -9.05 -15.63 -3.25
CA TRP D 31 -9.50 -16.98 -2.94
C TRP D 31 -10.03 -17.29 -1.54
N ARG D 32 -11.14 -18.02 -1.55
CA ARG D 32 -11.83 -18.44 -0.33
C ARG D 32 -12.04 -19.95 -0.37
N ASN D 33 -11.81 -20.60 0.77
CA ASN D 33 -12.00 -22.05 0.85
C ASN D 33 -13.34 -22.27 1.55
N SER D 34 -14.18 -23.10 0.95
CA SER D 34 -15.51 -23.40 1.48
C SER D 34 -15.62 -23.86 2.94
N LYS D 35 -14.62 -24.56 3.45
CA LYS D 35 -14.65 -25.08 4.80
C LYS D 35 -13.63 -24.47 5.76
N ASP D 36 -12.63 -23.77 5.23
CA ASP D 36 -11.61 -23.17 6.07
C ASP D 36 -11.60 -21.66 6.06
N GLY D 37 -12.43 -21.06 5.21
CA GLY D 37 -12.48 -19.62 5.13
C GLY D 37 -11.47 -19.16 4.10
N SER D 38 -11.43 -17.85 3.83
CA SER D 38 -10.49 -17.31 2.84
C SER D 38 -9.04 -17.56 3.27
N TRP D 39 -8.15 -17.64 2.28
CA TRP D 39 -6.74 -17.86 2.56
C TRP D 39 -6.17 -16.72 3.40
N PHE D 40 -6.47 -15.49 2.99
CA PHE D 40 -5.99 -14.30 3.65
C PHE D 40 -6.40 -14.17 5.11
N ILE D 41 -7.67 -14.41 5.40
CA ILE D 41 -8.16 -14.29 6.76
C ILE D 41 -7.67 -15.37 7.71
N GLN D 42 -7.56 -16.61 7.23
CA GLN D 42 -7.10 -17.66 8.14
C GLN D 42 -5.61 -17.47 8.43
N SER D 43 -4.90 -16.88 7.48
CA SER D 43 -3.47 -16.61 7.61
C SER D 43 -3.26 -15.39 8.51
N LEU D 44 -4.08 -14.36 8.30
CA LEU D 44 -3.97 -13.15 9.09
C LEU D 44 -4.19 -13.46 10.57
N CYS D 45 -5.16 -14.32 10.86
CA CYS D 45 -5.46 -14.69 12.23
C CYS D 45 -4.39 -15.59 12.86
N ALA D 46 -3.80 -16.46 12.06
CA ALA D 46 -2.78 -17.36 12.56
C ALA D 46 -1.54 -16.56 13.00
N MET D 47 -1.09 -15.66 12.12
CA MET D 47 0.07 -14.84 12.40
C MET D 47 -0.17 -13.95 13.62
N LEU D 48 -1.36 -13.38 13.74
CA LEU D 48 -1.65 -12.55 14.90
C LEU D 48 -1.54 -13.38 16.16
N LYS D 49 -2.08 -14.58 16.13
CA LYS D 49 -2.04 -15.45 17.30
C LYS D 49 -0.61 -15.73 17.77
N GLN D 50 0.32 -15.82 16.82
CA GLN D 50 1.71 -16.12 17.18
C GLN D 50 2.64 -14.92 17.37
N TYR D 51 2.41 -13.84 16.63
CA TYR D 51 3.30 -12.69 16.71
C TYR D 51 2.75 -11.35 17.19
N ALA D 52 1.53 -11.33 17.70
CA ALA D 52 0.94 -10.08 18.15
C ALA D 52 1.68 -9.51 19.36
N ASP D 53 2.35 -10.37 20.10
CA ASP D 53 3.08 -9.93 21.29
C ASP D 53 4.60 -9.90 21.07
N LYS D 54 5.05 -9.93 19.83
CA LYS D 54 6.48 -9.92 19.52
C LYS D 54 6.84 -8.97 18.38
N LEU D 55 6.07 -9.01 17.30
CA LEU D 55 6.37 -8.20 16.13
C LEU D 55 5.53 -6.96 15.93
N GLU D 56 6.15 -5.98 15.28
CA GLU D 56 5.46 -4.74 14.97
C GLU D 56 4.47 -5.15 13.88
N PHE D 57 3.35 -4.44 13.80
CA PHE D 57 2.30 -4.78 12.85
C PHE D 57 2.67 -4.93 11.38
N MET D 58 3.54 -4.07 10.87
CA MET D 58 3.92 -4.17 9.47
C MET D 58 4.68 -5.47 9.19
N HIS D 59 5.45 -5.93 10.16
CA HIS D 59 6.18 -7.16 9.97
C HIS D 59 5.26 -8.38 10.08
N ILE D 60 4.17 -8.22 10.82
CA ILE D 60 3.22 -9.29 10.96
C ILE D 60 2.48 -9.46 9.63
N LEU D 61 2.09 -8.35 9.00
CA LEU D 61 1.40 -8.42 7.70
C LEU D 61 2.31 -8.93 6.59
N THR D 62 3.62 -8.85 6.81
CA THR D 62 4.60 -9.32 5.84
C THR D 62 4.67 -10.85 5.92
N ARG D 63 4.52 -11.37 7.14
CA ARG D 63 4.51 -12.81 7.39
C ARG D 63 3.23 -13.36 6.74
N VAL D 64 2.12 -12.64 6.94
CA VAL D 64 0.85 -13.02 6.37
C VAL D 64 1.05 -13.09 4.86
N ASN D 65 1.70 -12.06 4.32
CA ASN D 65 1.96 -12.02 2.88
C ASN D 65 2.73 -13.25 2.35
N ARG D 66 3.80 -13.63 3.03
CA ARG D 66 4.61 -14.78 2.64
C ARG D 66 3.80 -16.09 2.71
N LYS D 67 3.04 -16.24 3.78
CA LYS D 67 2.22 -17.45 4.00
C LYS D 67 1.20 -17.66 2.88
N VAL D 68 0.47 -16.60 2.53
CA VAL D 68 -0.54 -16.68 1.48
C VAL D 68 0.07 -17.00 0.12
N ALA D 69 1.23 -16.40 -0.15
CA ALA D 69 1.90 -16.58 -1.43
C ALA D 69 2.60 -17.94 -1.56
N THR D 70 2.99 -18.50 -0.41
CA THR D 70 3.72 -19.74 -0.38
C THR D 70 2.92 -21.03 -0.21
N GLU D 71 2.00 -21.03 0.75
CA GLU D 71 1.21 -22.22 1.05
C GLU D 71 -0.20 -22.31 0.48
N PHE D 72 -0.50 -21.59 -0.59
CA PHE D 72 -1.85 -21.64 -1.14
C PHE D 72 -1.91 -21.66 -2.67
N GLU D 73 -2.75 -22.54 -3.19
CA GLU D 73 -2.95 -22.68 -4.63
C GLU D 73 -4.33 -23.27 -4.86
N SER D 74 -5.00 -22.82 -5.91
CA SER D 74 -6.35 -23.28 -6.23
C SER D 74 -6.38 -24.56 -7.03
N PHE D 75 -7.33 -25.43 -6.71
CA PHE D 75 -7.52 -26.69 -7.43
C PHE D 75 -8.93 -26.66 -8.01
N SER D 76 -9.05 -26.88 -9.31
CA SER D 76 -10.35 -26.86 -9.96
C SER D 76 -10.40 -27.73 -11.19
N PHE D 77 -11.59 -28.28 -11.46
CA PHE D 77 -11.79 -29.13 -12.62
C PHE D 77 -11.83 -28.23 -13.86
N ASP D 78 -12.04 -26.95 -13.63
CA ASP D 78 -12.07 -25.97 -14.70
C ASP D 78 -10.67 -25.37 -14.83
N ALA D 79 -10.02 -25.60 -15.97
CA ALA D 79 -8.67 -25.09 -16.19
C ALA D 79 -8.54 -23.59 -15.89
N THR D 80 -9.61 -22.85 -16.14
CA THR D 80 -9.62 -21.41 -15.92
C THR D 80 -9.27 -20.98 -14.50
N PHE D 81 -9.79 -21.71 -13.51
CA PHE D 81 -9.56 -21.38 -12.12
C PHE D 81 -8.59 -22.33 -11.42
N HIS D 82 -7.92 -23.17 -12.21
CA HIS D 82 -7.00 -24.14 -11.62
C HIS D 82 -5.56 -23.64 -11.48
N ALA D 83 -4.92 -24.05 -10.39
CA ALA D 83 -3.53 -23.69 -10.11
C ALA D 83 -3.29 -22.17 -10.13
N LYS D 84 -4.13 -21.44 -9.41
CA LYS D 84 -3.97 -19.99 -9.36
C LYS D 84 -3.36 -19.59 -8.04
N LYS D 85 -2.64 -18.47 -8.06
CA LYS D 85 -1.95 -17.98 -6.88
C LYS D 85 -2.50 -16.64 -6.39
N GLN D 86 -2.10 -16.26 -5.18
CA GLN D 86 -2.54 -14.98 -4.61
C GLN D 86 -1.48 -14.29 -3.72
N ILE D 87 -1.48 -12.96 -3.78
CA ILE D 87 -0.56 -12.17 -2.97
C ILE D 87 -1.33 -11.00 -2.33
N PRO D 88 -1.29 -10.90 -1.00
CA PRO D 88 -1.98 -9.82 -0.29
C PRO D 88 -1.33 -8.47 -0.62
N CYS D 89 -1.97 -7.38 -0.24
CA CYS D 89 -1.47 -6.05 -0.54
C CYS D 89 -1.62 -5.05 0.62
N ILE D 90 -0.50 -4.78 1.30
CA ILE D 90 -0.47 -3.85 2.41
C ILE D 90 -0.38 -2.40 1.95
N VAL D 91 -1.38 -1.58 2.28
CA VAL D 91 -1.40 -0.17 1.91
C VAL D 91 -1.33 0.65 3.21
N SER D 92 -0.13 1.10 3.57
CA SER D 92 0.05 1.85 4.80
C SER D 92 0.25 3.35 4.65
N MET D 93 -0.38 4.09 5.55
CA MET D 93 -0.29 5.53 5.57
C MET D 93 -0.15 5.88 7.04
N LEU D 94 0.40 4.91 7.78
CA LEU D 94 0.64 5.05 9.20
C LEU D 94 1.86 5.94 9.45
N THR D 95 1.75 6.73 10.50
CA THR D 95 2.79 7.67 10.88
C THR D 95 3.79 7.07 11.86
N LYS D 96 3.37 6.07 12.63
CA LYS D 96 4.26 5.44 13.60
C LYS D 96 4.18 3.91 13.59
N GLU D 97 5.05 3.29 14.36
CA GLU D 97 5.10 1.84 14.48
C GLU D 97 3.94 1.38 15.35
N LEU D 98 3.37 0.23 15.02
CA LEU D 98 2.24 -0.31 15.76
C LEU D 98 2.49 -1.65 16.44
N TYR D 99 2.28 -1.68 17.75
CA TYR D 99 2.44 -2.89 18.56
C TYR D 99 1.15 -3.06 19.37
N PHE D 100 0.69 -4.30 19.48
CA PHE D 100 -0.54 -4.57 20.22
C PHE D 100 -0.28 -4.80 21.71
N TYR D 101 0.95 -4.51 22.14
CA TYR D 101 1.29 -4.68 23.55
C TYR D 101 2.07 -3.48 24.08
#